data_3AVA
#
_entry.id   3AVA
#
_cell.length_a   70.922
_cell.length_b   70.922
_cell.length_c   67.198
_cell.angle_alpha   90.000
_cell.angle_beta   90.000
_cell.angle_gamma   120.000
#
_symmetry.space_group_name_H-M   'P 31'
#
loop_
_entity.id
_entity.type
_entity.pdbx_description
1 polymer Integrase
2 polymer 'LEDGF peptide'
3 non-polymer 'SULFATE ION'
4 non-polymer 'CHLORIDE ION'
5 non-polymer 'ACETIC ACID'
6 water water
#
loop_
_entity_poly.entity_id
_entity_poly.type
_entity_poly.pdbx_seq_one_letter_code
_entity_poly.pdbx_strand_id
1 'polypeptide(L)'
;MGSSHHHHHHSSGLVPRGSHMHGQVDSSPGIWQLDCTHLEGKVILVAVHVASGYIEAEVIPAETGQETAYFLLKLAGRWP
VKTVHTDNGSNFTSTTVKAACWWAGIKQEDGIPYNPQSQGVIESMNKELKKIIGQVRDQAEHLKTAVQMAVFIHNHKRKG
GIGGYSAGERIVDIIATDIQTKE
;
A,B
2 'polypeptide(L)' ALKIDNLD X,Y
#
loop_
_chem_comp.id
_chem_comp.type
_chem_comp.name
_chem_comp.formula
ACY non-polymer 'ACETIC ACID' 'C2 H4 O2'
CL non-polymer 'CHLORIDE ION' 'Cl -1'
SO4 non-polymer 'SULFATE ION' 'O4 S -2'
#
# COMPACT_ATOMS: atom_id res chain seq x y z
N SER A 27 -7.94 -20.66 -2.68
CA SER A 27 -6.47 -20.28 -2.76
C SER A 27 -5.98 -19.87 -4.15
N SER A 28 -6.82 -19.14 -4.88
CA SER A 28 -6.37 -18.66 -6.17
C SER A 28 -5.55 -17.33 -6.05
N PRO A 29 -4.87 -16.89 -7.12
CA PRO A 29 -4.04 -15.73 -7.00
C PRO A 29 -4.79 -14.42 -6.61
N GLY A 30 -6.08 -14.35 -6.90
CA GLY A 30 -6.75 -13.05 -6.70
C GLY A 30 -7.62 -13.01 -5.41
N ILE A 31 -7.56 -14.02 -4.55
N ILE A 31 -7.45 -13.95 -4.50
CA ILE A 31 -8.44 -14.10 -3.33
CA ILE A 31 -8.38 -14.03 -3.37
C ILE A 31 -7.81 -13.44 -2.12
C ILE A 31 -7.86 -13.50 -2.06
N TRP A 32 -8.56 -12.53 -1.47
CA TRP A 32 -8.12 -11.87 -0.26
C TRP A 32 -9.22 -11.98 0.76
N GLN A 33 -8.79 -11.91 2.03
CA GLN A 33 -9.72 -11.97 3.22
CA GLN A 33 -9.76 -11.93 3.15
C GLN A 33 -9.53 -10.75 4.04
N LEU A 34 -10.63 -10.07 4.40
CA LEU A 34 -10.56 -8.94 5.33
C LEU A 34 -10.62 -9.46 6.76
N ASP A 35 -10.06 -8.67 7.67
CA ASP A 35 -9.97 -9.10 9.10
C ASP A 35 -9.82 -7.84 9.92
N CYS A 36 -10.55 -7.73 11.06
CA CYS A 36 -10.56 -6.46 11.79
C CYS A 36 -10.18 -6.89 13.20
N THR A 37 -9.17 -6.26 13.78
CA THR A 37 -8.81 -6.60 15.15
C THR A 37 -8.60 -5.30 15.93
N HIS A 38 -8.53 -5.34 17.27
CA HIS A 38 -8.62 -4.10 18.07
C HIS A 38 -7.40 -4.08 18.97
N LEU A 39 -6.87 -2.89 19.18
CA LEU A 39 -5.73 -2.61 20.05
C LEU A 39 -5.75 -1.15 20.43
N GLU A 40 -5.50 -0.86 21.72
CA GLU A 40 -5.36 0.51 22.19
C GLU A 40 -6.57 1.33 21.98
N GLY A 41 -7.73 0.65 22.03
CA GLY A 41 -8.99 1.29 21.70
C GLY A 41 -9.15 1.80 20.27
N LYS A 42 -8.35 1.24 19.35
CA LYS A 42 -8.43 1.62 17.94
C LYS A 42 -8.62 0.30 17.17
N VAL A 43 -8.84 0.40 15.85
CA VAL A 43 -9.18 -0.74 15.06
C VAL A 43 -8.04 -0.89 14.04
N ILE A 44 -7.63 -2.14 13.83
CA ILE A 44 -6.59 -2.36 12.79
C ILE A 44 -7.40 -3.21 11.75
N LEU A 45 -7.45 -2.70 10.50
CA LEU A 45 -8.10 -3.44 9.41
C LEU A 45 -6.99 -4.10 8.60
N VAL A 46 -7.15 -5.40 8.34
CA VAL A 46 -6.07 -6.14 7.68
C VAL A 46 -6.69 -6.79 6.47
N ALA A 47 -5.96 -6.83 5.36
CA ALA A 47 -6.34 -7.69 4.27
C ALA A 47 -5.27 -8.74 4.10
N VAL A 48 -5.73 -9.98 3.89
N VAL A 48 -5.66 -10.02 4.05
CA VAL A 48 -4.83 -11.13 3.81
CA VAL A 48 -4.63 -11.05 3.84
C VAL A 48 -4.92 -11.78 2.45
C VAL A 48 -4.87 -11.80 2.54
N HIS A 49 -3.79 -11.96 1.76
CA HIS A 49 -3.84 -12.71 0.55
C HIS A 49 -3.75 -14.18 0.94
N VAL A 50 -4.87 -14.90 0.69
CA VAL A 50 -5.06 -16.17 1.40
C VAL A 50 -4.00 -17.21 0.99
N ALA A 51 -3.67 -17.23 -0.29
CA ALA A 51 -2.70 -18.27 -0.79
C ALA A 51 -1.25 -18.07 -0.28
N SER A 52 -0.83 -16.81 0.02
CA SER A 52 0.53 -16.53 0.48
C SER A 52 0.65 -16.15 1.92
N GLY A 53 -0.43 -15.65 2.55
CA GLY A 53 -0.40 -15.04 3.89
C GLY A 53 0.23 -13.62 3.94
N TYR A 54 0.44 -13.04 2.76
CA TYR A 54 0.93 -11.62 2.71
C TYR A 54 -0.20 -10.76 3.27
N ILE A 55 0.16 -9.66 3.91
CA ILE A 55 -0.92 -8.76 4.45
C ILE A 55 -0.61 -7.28 4.16
N GLU A 56 -1.73 -6.51 4.13
CA GLU A 56 -1.64 -5.04 4.14
C GLU A 56 -2.56 -4.68 5.35
N ALA A 57 -2.25 -3.56 6.02
CA ALA A 57 -3.10 -3.23 7.21
C ALA A 57 -3.08 -1.74 7.41
N GLU A 58 -4.13 -1.22 8.09
CA GLU A 58 -4.11 0.17 8.49
CA GLU A 58 -4.11 0.17 8.50
C GLU A 58 -4.81 0.34 9.83
N VAL A 59 -4.46 1.42 10.49
CA VAL A 59 -5.24 1.77 11.76
C VAL A 59 -6.28 2.82 11.37
N ILE A 60 -7.52 2.59 11.86
CA ILE A 60 -8.68 3.56 11.67
C ILE A 60 -9.36 3.69 13.03
N PRO A 61 -10.11 4.78 13.31
CA PRO A 61 -10.54 4.92 14.71
C PRO A 61 -11.72 4.00 14.98
N ALA A 62 -12.46 3.67 13.91
CA ALA A 62 -13.50 2.63 14.01
C ALA A 62 -13.83 2.04 12.62
N GLU A 63 -14.43 0.82 12.57
CA GLU A 63 -14.63 0.14 11.29
C GLU A 63 -15.97 0.70 10.79
N THR A 64 -15.96 1.42 9.68
CA THR A 64 -17.16 1.91 9.01
C THR A 64 -17.13 1.38 7.54
N GLY A 65 -18.31 1.38 6.85
CA GLY A 65 -18.31 1.01 5.41
C GLY A 65 -17.39 1.99 4.66
N GLN A 66 -17.42 3.31 4.96
CA GLN A 66 -16.55 4.25 4.22
C GLN A 66 -15.05 3.92 4.43
N GLU A 67 -14.65 3.56 5.65
CA GLU A 67 -13.19 3.25 5.86
C GLU A 67 -12.89 1.96 5.14
N THR A 68 -13.80 1.01 5.22
CA THR A 68 -13.48 -0.28 4.63
C THR A 68 -13.38 -0.17 3.09
N ALA A 69 -14.31 0.61 2.55
CA ALA A 69 -14.36 0.87 1.07
C ALA A 69 -13.08 1.54 0.57
N TYR A 70 -12.62 2.52 1.31
CA TYR A 70 -11.38 3.19 0.91
C TYR A 70 -10.19 2.25 0.98
N PHE A 71 -10.14 1.46 2.04
CA PHE A 71 -9.02 0.50 2.15
C PHE A 71 -9.04 -0.46 0.96
N LEU A 72 -10.23 -0.96 0.59
CA LEU A 72 -10.28 -1.91 -0.57
C LEU A 72 -9.88 -1.22 -1.86
N LEU A 73 -10.27 0.08 -2.05
CA LEU A 73 -9.86 0.79 -3.26
C LEU A 73 -8.32 0.90 -3.27
N LYS A 74 -7.70 1.23 -2.11
CA LYS A 74 -6.22 1.24 -2.03
CA LYS A 74 -6.19 1.21 -2.09
C LYS A 74 -5.60 -0.15 -2.45
N LEU A 75 -6.15 -1.22 -1.85
CA LEU A 75 -5.58 -2.55 -2.06
C LEU A 75 -5.65 -2.92 -3.56
N ALA A 76 -6.84 -2.71 -4.13
CA ALA A 76 -7.05 -3.13 -5.53
C ALA A 76 -6.28 -2.34 -6.57
N GLY A 77 -5.81 -1.13 -6.20
CA GLY A 77 -4.91 -0.37 -7.11
C GLY A 77 -3.49 -0.98 -7.07
N ARG A 78 -3.16 -1.79 -6.04
CA ARG A 78 -1.78 -2.17 -5.75
C ARG A 78 -1.57 -3.63 -6.10
N TRP A 79 -2.59 -4.49 -5.97
CA TRP A 79 -2.53 -5.92 -6.32
C TRP A 79 -3.76 -6.26 -7.08
N PRO A 80 -3.70 -7.36 -7.86
CA PRO A 80 -4.88 -7.75 -8.70
C PRO A 80 -5.94 -8.51 -7.92
N VAL A 81 -6.80 -7.76 -7.27
CA VAL A 81 -7.72 -8.26 -6.30
C VAL A 81 -8.98 -8.70 -7.10
N LYS A 82 -9.23 -10.02 -7.09
CA LYS A 82 -10.40 -10.54 -7.82
C LYS A 82 -11.60 -10.76 -6.90
N THR A 83 -11.33 -11.27 -5.71
CA THR A 83 -12.43 -11.59 -4.76
C THR A 83 -12.05 -11.16 -3.38
N VAL A 84 -12.96 -10.55 -2.66
CA VAL A 84 -12.66 -10.27 -1.25
CA VAL A 84 -12.68 -10.24 -1.27
C VAL A 84 -13.72 -10.93 -0.41
N HIS A 85 -13.27 -11.75 0.53
CA HIS A 85 -14.17 -12.27 1.61
C HIS A 85 -14.23 -11.25 2.71
N THR A 86 -15.39 -10.66 2.89
CA THR A 86 -15.53 -9.58 3.89
CA THR A 86 -15.49 -9.61 3.86
C THR A 86 -15.46 -10.17 5.29
N ASP A 87 -15.15 -9.28 6.26
CA ASP A 87 -14.83 -9.75 7.65
C ASP A 87 -16.06 -9.93 8.53
N ASN A 88 -17.16 -9.32 8.11
CA ASN A 88 -18.43 -9.41 8.92
C ASN A 88 -19.58 -9.01 7.99
N GLY A 89 -20.77 -9.16 8.55
CA GLY A 89 -21.99 -8.99 7.72
C GLY A 89 -22.28 -7.50 7.54
N SER A 90 -21.78 -6.63 8.37
CA SER A 90 -22.04 -5.20 8.19
C SER A 90 -21.25 -4.71 6.96
N ASN A 91 -19.99 -5.17 6.86
CA ASN A 91 -19.20 -4.81 5.61
C ASN A 91 -19.71 -5.55 4.38
N PHE A 92 -20.27 -6.73 4.52
CA PHE A 92 -20.89 -7.38 3.38
C PHE A 92 -22.16 -6.59 2.91
N THR A 93 -22.93 -6.10 3.88
CA THR A 93 -24.18 -5.42 3.51
C THR A 93 -23.91 -4.00 2.97
N SER A 94 -22.89 -3.33 3.50
CA SER A 94 -22.65 -1.87 3.30
C SER A 94 -22.70 -1.48 1.79
N THR A 95 -23.58 -0.58 1.44
N THR A 95 -23.54 -0.48 1.49
CA THR A 95 -23.61 -0.25 0.01
CA THR A 95 -23.65 -0.11 0.06
C THR A 95 -22.36 0.51 -0.42
C THR A 95 -22.38 0.57 -0.42
N THR A 96 -21.72 1.20 0.52
CA THR A 96 -20.45 1.91 0.21
C THR A 96 -19.37 0.89 -0.11
N VAL A 97 -19.30 -0.21 0.70
CA VAL A 97 -18.31 -1.22 0.34
C VAL A 97 -18.68 -1.87 -1.00
N LYS A 98 -19.99 -2.13 -1.24
CA LYS A 98 -20.34 -2.70 -2.53
C LYS A 98 -20.00 -1.76 -3.70
N ALA A 99 -20.17 -0.47 -3.47
CA ALA A 99 -19.80 0.54 -4.50
C ALA A 99 -18.29 0.51 -4.80
N ALA A 100 -17.45 0.39 -3.77
CA ALA A 100 -16.01 0.34 -4.03
C ALA A 100 -15.65 -0.92 -4.73
N CYS A 101 -16.30 -2.07 -4.38
CA CYS A 101 -15.98 -3.33 -5.05
C CYS A 101 -16.49 -3.26 -6.51
N TRP A 102 -17.63 -2.59 -6.75
CA TRP A 102 -18.02 -2.40 -8.14
C TRP A 102 -16.95 -1.56 -8.87
N TRP A 103 -16.57 -0.46 -8.28
CA TRP A 103 -15.65 0.45 -8.94
C TRP A 103 -14.39 -0.28 -9.33
N ALA A 104 -13.85 -0.99 -8.37
CA ALA A 104 -12.51 -1.65 -8.56
C ALA A 104 -12.53 -3.01 -9.24
N GLY A 105 -13.74 -3.47 -9.64
CA GLY A 105 -13.82 -4.80 -10.24
C GLY A 105 -13.61 -5.98 -9.33
N ILE A 106 -14.02 -5.85 -8.06
CA ILE A 106 -13.84 -6.95 -7.12
C ILE A 106 -15.18 -7.64 -6.86
N LYS A 107 -15.14 -8.97 -6.76
CA LYS A 107 -16.35 -9.76 -6.40
CA LYS A 107 -16.33 -9.76 -6.39
C LYS A 107 -16.38 -9.76 -4.88
N GLN A 108 -17.42 -9.20 -4.32
CA GLN A 108 -17.55 -9.17 -2.84
C GLN A 108 -18.23 -10.44 -2.39
N GLU A 109 -17.65 -11.17 -1.47
CA GLU A 109 -18.18 -12.45 -0.97
C GLU A 109 -18.31 -12.36 0.58
N ASP A 110 -19.12 -13.26 1.12
CA ASP A 110 -19.14 -13.40 2.57
C ASP A 110 -17.85 -14.03 3.10
N GLY A 111 -17.65 -14.10 4.42
CA GLY A 111 -16.38 -14.65 4.96
C GLY A 111 -16.64 -15.84 5.88
N ILE A 112 -17.75 -16.49 5.59
CA ILE A 112 -18.18 -17.69 6.36
CA ILE A 112 -18.12 -17.65 6.42
C ILE A 112 -17.06 -18.77 6.30
N PRO A 113 -16.58 -19.30 7.47
CA PRO A 113 -15.53 -20.32 7.45
C PRO A 113 -16.13 -21.72 7.14
N TYR A 114 -16.56 -21.89 5.89
CA TYR A 114 -17.03 -23.24 5.45
C TYR A 114 -15.96 -24.30 5.71
N ASN A 115 -14.71 -23.87 5.56
CA ASN A 115 -13.55 -24.59 6.07
C ASN A 115 -13.10 -24.12 7.46
N PRO A 116 -13.44 -24.92 8.51
CA PRO A 116 -13.29 -24.41 9.89
C PRO A 116 -11.85 -23.96 10.17
N GLN A 117 -10.89 -24.50 9.38
CA GLN A 117 -9.48 -24.08 9.49
C GLN A 117 -9.28 -22.55 9.39
N SER A 118 -10.11 -21.89 8.56
CA SER A 118 -10.07 -20.41 8.36
C SER A 118 -10.21 -19.60 9.65
N GLN A 119 -11.15 -19.96 10.51
CA GLN A 119 -11.26 -19.31 11.83
C GLN A 119 -9.90 -19.27 12.54
N GLY A 120 -9.27 -20.46 12.67
CA GLY A 120 -8.06 -20.62 13.44
C GLY A 120 -6.90 -19.86 12.82
N VAL A 121 -6.82 -19.88 11.49
CA VAL A 121 -5.73 -19.25 10.73
C VAL A 121 -5.77 -17.73 11.00
N ILE A 122 -6.95 -17.12 10.90
N ILE A 122 -6.94 -17.10 10.91
CA ILE A 122 -7.11 -15.68 11.16
CA ILE A 122 -7.03 -15.66 11.16
C ILE A 122 -6.81 -15.33 12.63
C ILE A 122 -6.81 -15.31 12.64
N GLU A 123 -7.30 -16.15 13.55
CA GLU A 123 -7.04 -15.92 14.98
C GLU A 123 -5.56 -15.94 15.24
N SER A 124 -4.87 -16.89 14.67
CA SER A 124 -3.51 -16.95 15.10
C SER A 124 -2.74 -15.87 14.33
N MET A 125 -3.19 -15.44 13.17
N MET A 125 -3.27 -15.47 13.17
CA MET A 125 -2.51 -14.25 12.56
CA MET A 125 -2.78 -14.27 12.42
C MET A 125 -2.70 -13.00 13.43
C MET A 125 -2.79 -13.02 13.29
N ASN A 126 -3.90 -12.78 13.96
CA ASN A 126 -4.08 -11.63 14.82
C ASN A 126 -3.21 -11.73 16.02
N LYS A 127 -3.12 -12.94 16.59
CA LYS A 127 -2.20 -13.06 17.74
C LYS A 127 -0.72 -12.83 17.37
N GLU A 128 -0.25 -13.35 16.22
CA GLU A 128 1.16 -13.05 15.69
C GLU A 128 1.37 -11.53 15.48
N LEU A 129 0.40 -10.87 14.85
N LEU A 129 0.39 -10.92 14.84
CA LEU A 129 0.59 -9.41 14.63
CA LEU A 129 0.52 -9.52 14.54
C LEU A 129 0.60 -8.61 15.90
C LEU A 129 0.57 -8.69 15.82
N LYS A 130 -0.28 -9.02 16.80
CA LYS A 130 -0.25 -8.31 18.08
C LYS A 130 1.06 -8.60 18.81
N LYS A 131 1.60 -9.81 18.66
CA LYS A 131 2.92 -10.09 19.27
C LYS A 131 3.99 -9.17 18.70
N ILE A 132 4.00 -9.07 17.38
CA ILE A 132 4.98 -8.22 16.73
C ILE A 132 4.82 -6.75 17.12
N ILE A 133 3.57 -6.23 17.09
CA ILE A 133 3.36 -4.91 17.50
C ILE A 133 3.93 -4.61 18.91
N GLY A 134 3.75 -5.61 19.81
CA GLY A 134 4.37 -5.51 21.14
C GLY A 134 5.87 -5.39 21.10
N GLN A 135 6.46 -6.15 20.20
CA GLN A 135 7.92 -6.15 20.13
C GLN A 135 8.42 -4.81 19.63
N VAL A 136 7.59 -4.06 18.89
CA VAL A 136 8.11 -2.80 18.29
C VAL A 136 7.56 -1.60 18.95
N ARG A 137 6.56 -1.87 19.82
CA ARG A 137 5.66 -0.76 20.15
C ARG A 137 6.41 0.41 20.76
N ASP A 138 7.49 0.07 21.50
N ASP A 138 7.45 0.12 21.51
CA ASP A 138 8.42 1.05 22.18
CA ASP A 138 8.12 1.24 22.17
C ASP A 138 9.33 1.87 21.25
C ASP A 138 9.00 2.11 21.19
N GLN A 139 9.26 1.58 19.97
CA GLN A 139 10.08 2.29 18.99
C GLN A 139 9.19 3.33 18.31
N ALA A 140 7.88 3.35 18.58
CA ALA A 140 6.98 4.26 17.81
C ALA A 140 6.11 5.07 18.76
N GLU A 141 5.92 6.32 18.47
CA GLU A 141 5.01 7.14 19.28
C GLU A 141 3.57 6.70 18.96
N HIS A 142 3.29 6.60 17.65
CA HIS A 142 1.88 6.33 17.24
C HIS A 142 1.64 4.88 16.89
N LEU A 143 0.47 4.34 17.22
CA LEU A 143 0.21 2.94 16.87
C LEU A 143 0.35 2.71 15.35
N LYS A 144 -0.07 3.67 14.49
CA LYS A 144 0.01 3.38 13.06
C LYS A 144 1.43 3.04 12.58
N THR A 145 2.46 3.67 13.16
CA THR A 145 3.87 3.29 12.86
C THR A 145 4.17 1.84 13.26
N ALA A 146 3.74 1.46 14.51
CA ALA A 146 3.98 0.14 14.96
C ALA A 146 3.32 -0.89 14.07
N VAL A 147 2.07 -0.59 13.64
CA VAL A 147 1.38 -1.55 12.79
C VAL A 147 2.10 -1.66 11.47
N GLN A 148 2.64 -0.57 10.94
CA GLN A 148 3.30 -0.74 9.65
C GLN A 148 4.67 -1.45 9.84
N MET A 149 5.32 -1.29 11.02
CA MET A 149 6.51 -2.11 11.30
C MET A 149 6.17 -3.54 11.34
N ALA A 150 5.00 -3.85 11.94
CA ALA A 150 4.57 -5.24 12.00
C ALA A 150 4.18 -5.87 10.68
N VAL A 151 3.56 -5.08 9.81
CA VAL A 151 3.31 -5.54 8.48
C VAL A 151 4.67 -5.89 7.79
N PHE A 152 5.67 -5.00 7.90
CA PHE A 152 6.95 -5.23 7.26
C PHE A 152 7.56 -6.53 7.84
N ILE A 153 7.58 -6.67 9.12
CA ILE A 153 8.18 -7.96 9.70
C ILE A 153 7.41 -9.18 9.28
N HIS A 154 6.07 -9.13 9.30
CA HIS A 154 5.28 -10.29 8.89
C HIS A 154 5.60 -10.66 7.46
N ASN A 155 5.63 -9.68 6.53
CA ASN A 155 5.74 -9.96 5.14
C ASN A 155 7.15 -10.43 4.76
N HIS A 156 8.14 -10.03 5.56
CA HIS A 156 9.54 -10.40 5.18
C HIS A 156 9.99 -11.65 5.88
N LYS A 157 9.19 -12.15 6.84
CA LYS A 157 9.62 -13.37 7.62
C LYS A 157 9.65 -14.61 6.79
N ARG A 158 10.86 -15.25 6.82
CA ARG A 158 11.04 -16.52 6.18
C ARG A 158 10.53 -17.66 7.04
N LYS A 159 9.70 -18.50 6.45
CA LYS A 159 9.09 -19.63 7.18
C LYS A 159 9.48 -20.93 6.48
N GLY A 164 13.43 -21.70 2.22
CA GLY A 164 12.14 -21.17 2.75
C GLY A 164 11.86 -19.69 2.45
N TYR A 165 10.63 -19.44 2.00
CA TYR A 165 10.26 -18.20 1.37
C TYR A 165 9.46 -17.30 2.31
N SER A 166 9.45 -15.98 2.00
CA SER A 166 8.59 -15.12 2.86
C SER A 166 7.21 -15.00 2.19
N ALA A 167 6.27 -14.38 2.92
CA ALA A 167 4.93 -14.17 2.30
C ALA A 167 5.06 -13.19 1.12
N GLY A 168 5.96 -12.20 1.20
CA GLY A 168 6.11 -11.22 0.09
C GLY A 168 6.69 -11.94 -1.14
N GLU A 169 7.61 -12.90 -0.87
CA GLU A 169 8.05 -13.69 -2.02
C GLU A 169 6.97 -14.57 -2.61
N ARG A 170 6.15 -15.18 -1.77
CA ARG A 170 5.16 -16.14 -2.23
C ARG A 170 4.12 -15.36 -3.02
N ILE A 171 3.72 -14.17 -2.54
CA ILE A 171 2.64 -13.50 -3.33
C ILE A 171 3.11 -13.13 -4.75
N VAL A 172 4.33 -12.62 -4.91
CA VAL A 172 4.85 -12.28 -6.24
C VAL A 172 4.97 -13.51 -7.12
N ASP A 173 5.46 -14.61 -6.52
CA ASP A 173 5.60 -15.91 -7.29
CA ASP A 173 5.61 -15.84 -7.34
C ASP A 173 4.24 -16.35 -7.79
N ILE A 174 3.26 -16.31 -6.92
CA ILE A 174 1.94 -16.75 -7.31
C ILE A 174 1.33 -15.92 -8.39
N ILE A 175 1.41 -14.58 -8.25
CA ILE A 175 0.78 -13.72 -9.22
C ILE A 175 1.55 -13.82 -10.54
N ALA A 176 2.88 -13.88 -10.48
CA ALA A 176 3.66 -13.92 -11.75
C ALA A 176 3.35 -15.20 -12.51
N THR A 177 3.20 -16.29 -11.76
CA THR A 177 2.89 -17.59 -12.35
C THR A 177 1.55 -17.50 -13.07
N ASP A 178 0.57 -16.79 -12.48
CA ASP A 178 -0.72 -16.56 -13.07
C ASP A 178 -0.71 -15.69 -14.34
N ILE A 179 0.12 -14.65 -14.37
CA ILE A 179 0.21 -13.77 -15.53
C ILE A 179 0.76 -14.58 -16.71
N GLN A 180 1.69 -15.49 -16.45
CA GLN A 180 2.42 -16.25 -17.49
C GLN A 180 1.56 -17.36 -18.16
N SER B 27 17.95 0.33 -13.40
CA SER B 27 16.61 -0.32 -13.54
C SER B 27 16.58 -1.68 -12.85
N SER B 28 17.08 -1.70 -11.64
CA SER B 28 17.04 -2.95 -10.89
C SER B 28 15.63 -3.15 -10.22
N PRO B 29 15.28 -4.38 -9.84
CA PRO B 29 13.97 -4.65 -9.27
C PRO B 29 13.67 -3.85 -7.98
N GLY B 30 14.71 -3.39 -7.31
CA GLY B 30 14.50 -2.79 -5.95
C GLY B 30 14.54 -1.24 -5.99
N ILE B 31 14.58 -0.59 -7.16
CA ILE B 31 14.80 0.89 -7.14
C ILE B 31 13.52 1.64 -7.33
N TRP B 32 13.28 2.62 -6.44
CA TRP B 32 12.10 3.43 -6.44
C TRP B 32 12.52 4.87 -6.41
N GLN B 33 11.64 5.73 -6.96
CA GLN B 33 11.84 7.22 -7.01
CA GLN B 33 11.89 7.18 -6.94
C GLN B 33 10.67 7.87 -6.36
N LEU B 34 10.93 8.80 -5.42
CA LEU B 34 9.86 9.62 -4.83
C LEU B 34 9.57 10.79 -5.69
N ASP B 35 8.33 11.27 -5.60
CA ASP B 35 7.89 12.43 -6.46
C ASP B 35 6.78 13.12 -5.70
N CYS B 36 6.75 14.46 -5.66
CA CYS B 36 5.75 15.12 -4.85
C CYS B 36 5.13 16.11 -5.83
N THR B 37 3.81 16.08 -5.91
CA THR B 37 3.12 17.05 -6.77
C THR B 37 1.95 17.66 -6.02
N HIS B 38 1.41 18.79 -6.50
CA HIS B 38 0.37 19.52 -5.76
C HIS B 38 -0.90 19.59 -6.58
N LEU B 39 -2.03 19.54 -5.88
CA LEU B 39 -3.37 19.69 -6.44
C LEU B 39 -4.30 20.12 -5.35
N GLU B 40 -5.20 21.09 -5.65
CA GLU B 40 -6.23 21.49 -4.66
C GLU B 40 -5.68 22.00 -3.37
N GLY B 41 -4.50 22.63 -3.43
CA GLY B 41 -3.85 23.06 -2.19
C GLY B 41 -3.30 21.99 -1.26
N LYS B 42 -3.23 20.75 -1.76
CA LYS B 42 -2.80 19.62 -0.98
C LYS B 42 -1.61 19.01 -1.74
N VAL B 43 -0.94 18.03 -1.13
CA VAL B 43 0.28 17.47 -1.65
C VAL B 43 -0.02 15.97 -1.94
N ILE B 44 0.42 15.54 -3.10
CA ILE B 44 0.24 14.09 -3.43
C ILE B 44 1.72 13.58 -3.44
N LEU B 45 1.99 12.61 -2.57
CA LEU B 45 3.33 12.03 -2.59
C LEU B 45 3.24 10.69 -3.36
N VAL B 46 4.18 10.47 -4.28
CA VAL B 46 4.09 9.29 -5.15
C VAL B 46 5.45 8.57 -5.05
N ALA B 47 5.45 7.22 -5.03
CA ALA B 47 6.61 6.47 -5.22
C ALA B 47 6.47 5.73 -6.52
N VAL B 48 7.55 5.75 -7.32
N VAL B 48 7.43 5.84 -7.45
CA VAL B 48 7.54 5.13 -8.65
CA VAL B 48 7.30 5.05 -8.69
C VAL B 48 8.55 3.98 -8.67
C VAL B 48 8.46 4.04 -8.76
N HIS B 49 8.13 2.78 -9.10
CA HIS B 49 9.08 1.73 -9.26
C HIS B 49 9.65 1.94 -10.66
N VAL B 50 10.93 2.32 -10.72
N VAL B 50 10.92 2.37 -10.73
CA VAL B 50 11.44 2.92 -11.97
CA VAL B 50 11.37 2.99 -11.98
C VAL B 50 11.33 1.97 -13.17
C VAL B 50 11.42 2.01 -13.18
N ALA B 51 11.71 0.73 -12.92
CA ALA B 51 11.80 -0.27 -14.04
C ALA B 51 10.43 -0.61 -14.67
N SER B 52 9.34 -0.55 -13.89
CA SER B 52 8.01 -0.88 -14.37
C SER B 52 7.09 0.31 -14.59
N GLY B 53 7.30 1.45 -13.90
CA GLY B 53 6.38 2.57 -13.90
C GLY B 53 5.16 2.36 -12.95
N TYR B 54 5.20 1.28 -12.16
CA TYR B 54 4.07 1.05 -11.15
C TYR B 54 4.19 2.18 -10.09
N ILE B 55 3.06 2.60 -9.53
CA ILE B 55 3.12 3.68 -8.51
C ILE B 55 2.28 3.34 -7.30
N GLU B 56 2.69 3.97 -6.15
CA GLU B 56 1.85 4.02 -4.95
C GLU B 56 1.78 5.55 -4.66
N ALA B 57 0.64 6.01 -4.08
CA ALA B 57 0.60 7.47 -3.85
C ALA B 57 -0.30 7.69 -2.64
N GLU B 58 -0.15 8.87 -1.99
CA GLU B 58 -1.08 9.26 -0.96
CA GLU B 58 -1.05 9.25 -0.96
C GLU B 58 -1.24 10.75 -0.96
N VAL B 59 -2.36 11.19 -0.40
CA VAL B 59 -2.56 12.66 -0.17
C VAL B 59 -2.15 12.98 1.28
N ILE B 60 -1.34 14.07 1.41
CA ILE B 60 -0.96 14.66 2.78
C ILE B 60 -1.10 16.16 2.69
N PRO B 61 -1.26 16.87 3.84
CA PRO B 61 -1.59 18.28 3.84
C PRO B 61 -0.33 19.01 3.46
N ALA B 62 0.82 18.41 3.84
CA ALA B 62 2.15 19.00 3.51
C ALA B 62 3.24 17.98 3.50
N GLU B 63 4.38 18.24 2.79
N GLU B 63 4.28 18.21 2.69
CA GLU B 63 5.46 17.23 2.62
CA GLU B 63 5.38 17.30 2.67
C GLU B 63 6.60 17.25 3.67
C GLU B 63 6.17 17.70 3.91
N THR B 64 6.31 16.75 4.85
CA THR B 64 7.23 16.82 5.96
C THR B 64 8.13 15.55 5.98
N GLY B 65 9.25 15.60 6.71
CA GLY B 65 10.07 14.37 6.85
C GLY B 65 9.22 13.29 7.55
N GLN B 66 8.38 13.64 8.55
CA GLN B 66 7.61 12.58 9.21
C GLN B 66 6.61 11.91 8.25
N GLU B 67 5.99 12.73 7.38
CA GLU B 67 5.03 12.13 6.41
C GLU B 67 5.80 11.28 5.44
N THR B 68 6.95 11.75 4.99
CA THR B 68 7.65 10.99 3.93
C THR B 68 8.18 9.72 4.51
N ALA B 69 8.64 9.78 5.76
CA ALA B 69 9.18 8.58 6.45
C ALA B 69 8.11 7.52 6.64
N TYR B 70 6.91 7.94 7.02
CA TYR B 70 5.84 6.96 7.24
C TYR B 70 5.46 6.33 5.89
N PHE B 71 5.39 7.15 4.84
CA PHE B 71 5.05 6.60 3.53
C PHE B 71 6.12 5.56 3.09
N LEU B 72 7.41 5.85 3.32
CA LEU B 72 8.40 4.86 2.91
C LEU B 72 8.34 3.59 3.73
N LEU B 73 7.98 3.71 5.04
CA LEU B 73 7.82 2.52 5.88
C LEU B 73 6.64 1.68 5.31
N LYS B 74 5.54 2.32 4.94
CA LYS B 74 4.41 1.59 4.32
CA LYS B 74 4.42 1.54 4.31
C LYS B 74 4.88 0.84 3.01
N LEU B 75 5.59 1.57 2.14
CA LEU B 75 5.99 1.01 0.84
C LEU B 75 6.88 -0.18 1.05
N ALA B 76 7.86 -0.03 1.94
CA ALA B 76 8.85 -1.11 2.12
C ALA B 76 8.29 -2.33 2.81
N GLY B 77 7.15 -2.22 3.52
CA GLY B 77 6.52 -3.42 4.06
C GLY B 77 5.79 -4.20 2.94
N ARG B 78 5.52 -3.54 1.78
CA ARG B 78 4.60 -4.09 0.73
C ARG B 78 5.41 -4.58 -0.45
N TRP B 79 6.56 -3.95 -0.79
CA TRP B 79 7.44 -4.35 -1.90
C TRP B 79 8.85 -4.36 -1.43
N PRO B 80 9.73 -5.11 -2.13
CA PRO B 80 11.13 -5.22 -1.64
C PRO B 80 11.97 -4.03 -2.07
N VAL B 81 11.93 -2.96 -1.29
CA VAL B 81 12.45 -1.68 -1.65
C VAL B 81 13.94 -1.72 -1.23
N LYS B 82 14.82 -1.68 -2.23
CA LYS B 82 16.27 -1.66 -1.91
C LYS B 82 16.82 -0.23 -1.88
N THR B 83 16.39 0.61 -2.80
CA THR B 83 16.97 1.95 -2.94
C THR B 83 15.87 2.91 -3.19
N VAL B 84 15.89 4.03 -2.50
CA VAL B 84 14.96 5.10 -2.82
CA VAL B 84 14.94 5.11 -2.85
C VAL B 84 15.72 6.35 -3.25
N HIS B 85 15.41 6.86 -4.44
CA HIS B 85 15.89 8.21 -4.83
C HIS B 85 14.91 9.21 -4.32
N THR B 86 15.37 10.06 -3.38
CA THR B 86 14.45 11.02 -2.73
CA THR B 86 14.45 10.96 -2.77
C THR B 86 14.08 12.11 -3.73
N ASP B 87 12.96 12.79 -3.42
CA ASP B 87 12.40 13.74 -4.42
C ASP B 87 13.02 15.14 -4.32
N ASN B 88 13.66 15.45 -3.17
CA ASN B 88 14.29 16.80 -3.01
C ASN B 88 15.32 16.70 -1.87
N GLY B 89 16.05 17.80 -1.66
CA GLY B 89 17.17 17.75 -0.73
C GLY B 89 16.65 17.83 0.71
N SER B 90 15.47 18.34 0.97
CA SER B 90 14.98 18.39 2.35
C SER B 90 14.67 16.93 2.83
N ASN B 91 14.02 16.13 1.94
CA ASN B 91 13.77 14.71 2.31
C ASN B 91 15.08 13.92 2.28
N PHE B 92 16.06 14.25 1.47
CA PHE B 92 17.37 13.60 1.59
C PHE B 92 18.06 13.93 2.93
N THR B 93 17.97 15.18 3.37
CA THR B 93 18.64 15.58 4.62
C THR B 93 17.89 15.09 5.85
N SER B 94 16.57 14.96 5.80
CA SER B 94 15.74 14.76 6.99
C SER B 94 16.20 13.54 7.84
N THR B 95 16.43 13.77 9.12
N THR B 95 16.43 13.78 9.14
CA THR B 95 16.91 12.63 9.89
CA THR B 95 16.91 12.65 9.96
C THR B 95 15.79 11.62 10.15
C THR B 95 15.79 11.61 10.11
N THR B 96 14.55 12.09 10.09
CA THR B 96 13.40 11.21 10.26
C THR B 96 13.31 10.29 9.04
N VAL B 97 13.48 10.87 7.84
CA VAL B 97 13.47 9.98 6.65
C VAL B 97 14.68 9.01 6.70
N LYS B 98 15.87 9.49 7.10
CA LYS B 98 17.02 8.58 7.22
C LYS B 98 16.74 7.45 8.24
N ALA B 99 16.05 7.78 9.31
CA ALA B 99 15.71 6.76 10.34
C ALA B 99 14.76 5.73 9.77
N ALA B 100 13.79 6.17 8.96
CA ALA B 100 12.89 5.13 8.40
C ALA B 100 13.61 4.32 7.43
N CYS B 101 14.54 4.91 6.64
CA CYS B 101 15.26 4.11 5.63
C CYS B 101 16.23 3.12 6.37
N TRP B 102 16.76 3.55 7.53
CA TRP B 102 17.57 2.62 8.31
C TRP B 102 16.66 1.49 8.82
N TRP B 103 15.52 1.83 9.37
CA TRP B 103 14.65 0.79 9.93
C TRP B 103 14.26 -0.23 8.94
N ALA B 104 13.84 0.25 7.77
CA ALA B 104 13.33 -0.67 6.76
C ALA B 104 14.38 -1.25 5.84
N GLY B 105 15.68 -0.99 6.10
CA GLY B 105 16.70 -1.50 5.19
C GLY B 105 16.79 -0.93 3.79
N ILE B 106 16.48 0.35 3.65
CA ILE B 106 16.54 0.99 2.36
C ILE B 106 17.75 1.90 2.29
N LYS B 107 18.40 1.87 1.13
CA LYS B 107 19.50 2.81 0.84
CA LYS B 107 19.51 2.79 0.86
C LYS B 107 18.89 4.09 0.35
N GLN B 108 19.08 5.15 1.09
CA GLN B 108 18.55 6.43 0.67
C GLN B 108 19.55 7.16 -0.22
N GLU B 109 19.11 7.57 -1.40
CA GLU B 109 19.95 8.22 -2.39
C GLU B 109 19.36 9.57 -2.81
N ASP B 110 20.20 10.41 -3.40
CA ASP B 110 19.67 11.64 -4.01
C ASP B 110 18.81 11.35 -5.26
N GLY B 111 18.14 12.35 -5.84
CA GLY B 111 17.29 12.11 -7.03
C GLY B 111 17.78 12.97 -8.19
N ILE B 112 19.06 13.29 -8.13
N ILE B 112 19.08 13.20 -8.20
CA ILE B 112 19.70 14.09 -9.22
CA ILE B 112 19.72 14.01 -9.27
C ILE B 112 19.44 13.35 -10.58
C ILE B 112 19.60 13.36 -10.67
N PRO B 113 18.94 14.06 -11.64
CA PRO B 113 18.70 13.43 -12.94
C PRO B 113 20.03 13.42 -13.78
N TYR B 114 21.00 12.65 -13.33
CA TYR B 114 22.22 12.41 -14.14
C TYR B 114 21.88 12.00 -15.57
N ASN B 115 20.82 11.20 -15.67
CA ASN B 115 20.17 10.96 -16.95
C ASN B 115 19.01 11.93 -17.18
N PRO B 116 19.22 12.93 -18.07
CA PRO B 116 18.22 14.02 -18.15
C PRO B 116 16.81 13.48 -18.50
N GLN B 117 16.74 12.32 -19.17
CA GLN B 117 15.47 11.59 -19.42
C GLN B 117 14.55 11.51 -18.18
N SER B 118 15.15 11.29 -16.99
CA SER B 118 14.42 11.35 -15.68
C SER B 118 13.50 12.55 -15.39
N GLN B 119 13.98 13.80 -15.49
CA GLN B 119 13.06 14.93 -15.22
C GLN B 119 11.80 14.76 -16.07
N GLY B 120 12.01 14.46 -17.37
CA GLY B 120 10.94 14.41 -18.35
C GLY B 120 9.92 13.31 -18.01
N VAL B 121 10.42 12.13 -17.67
CA VAL B 121 9.58 10.98 -17.30
C VAL B 121 8.70 11.37 -16.11
N ILE B 122 9.28 11.94 -15.06
N ILE B 122 9.27 11.95 -15.06
CA ILE B 122 8.49 12.34 -13.86
CA ILE B 122 8.48 12.29 -13.87
C ILE B 122 7.45 13.39 -14.21
C ILE B 122 7.46 13.40 -14.19
N GLU B 123 7.84 14.40 -15.00
CA GLU B 123 6.86 15.44 -15.37
C GLU B 123 5.71 14.85 -16.15
N SER B 124 6.02 13.93 -17.04
CA SER B 124 5.00 13.35 -17.86
C SER B 124 4.10 12.49 -16.98
N MET B 125 4.67 11.82 -15.97
N MET B 125 4.72 11.83 -15.99
CA MET B 125 3.80 11.02 -15.08
CA MET B 125 4.04 11.05 -14.96
C MET B 125 2.85 11.92 -14.25
C MET B 125 2.97 11.86 -14.21
N ASN B 126 3.37 13.04 -13.76
CA ASN B 126 2.52 13.93 -12.95
C ASN B 126 1.39 14.46 -13.81
N LYS B 127 1.71 14.85 -15.05
CA LYS B 127 0.66 15.31 -16.00
CA LYS B 127 0.66 15.32 -15.97
C LYS B 127 -0.39 14.23 -16.26
N GLU B 128 0.06 12.97 -16.48
CA GLU B 128 -0.87 11.78 -16.69
C GLU B 128 -1.74 11.58 -15.45
N LEU B 129 -1.12 11.66 -14.28
N LEU B 129 -1.08 11.62 -14.30
CA LEU B 129 -1.96 11.41 -13.04
CA LEU B 129 -1.80 11.36 -13.07
C LEU B 129 -2.95 12.49 -12.83
C LEU B 129 -2.85 12.44 -12.82
N LYS B 130 -2.49 13.72 -13.08
CA LYS B 130 -3.46 14.81 -12.94
C LYS B 130 -4.60 14.73 -13.96
N LYS B 131 -4.28 14.22 -15.13
CA LYS B 131 -5.32 14.04 -16.17
C LYS B 131 -6.35 12.99 -15.69
N ILE B 132 -5.84 11.91 -15.12
CA ILE B 132 -6.68 10.84 -14.63
C ILE B 132 -7.49 11.34 -13.45
N ILE B 133 -6.83 12.00 -12.50
CA ILE B 133 -7.57 12.53 -11.43
C ILE B 133 -8.75 13.43 -11.90
N GLY B 134 -8.48 14.25 -12.94
CA GLY B 134 -9.59 15.04 -13.52
C GLY B 134 -10.74 14.21 -14.06
N GLN B 135 -10.38 13.08 -14.64
CA GLN B 135 -11.37 12.22 -15.25
C GLN B 135 -12.27 11.57 -14.19
N VAL B 136 -11.76 11.43 -12.97
CA VAL B 136 -12.57 10.77 -11.93
C VAL B 136 -13.07 11.70 -10.90
N ARG B 137 -12.59 12.96 -10.98
CA ARG B 137 -12.66 13.78 -9.75
C ARG B 137 -14.12 13.96 -9.27
N ASP B 138 -15.05 14.01 -10.22
CA ASP B 138 -16.45 14.21 -9.84
C ASP B 138 -17.17 12.94 -9.27
N GLN B 139 -16.51 11.80 -9.32
CA GLN B 139 -17.00 10.56 -8.67
C GLN B 139 -16.61 10.52 -7.21
N ALA B 140 -15.80 11.46 -6.70
CA ALA B 140 -15.30 11.33 -5.31
C ALA B 140 -15.53 12.68 -4.58
N GLU B 141 -15.99 12.61 -3.35
CA GLU B 141 -16.10 13.83 -2.52
C GLU B 141 -14.65 14.26 -2.17
N HIS B 142 -13.81 13.32 -1.69
CA HIS B 142 -12.46 13.70 -1.19
C HIS B 142 -11.40 13.46 -2.23
N LEU B 143 -10.40 14.35 -2.31
CA LEU B 143 -9.32 14.13 -3.24
C LEU B 143 -8.64 12.77 -3.00
N LYS B 144 -8.46 12.33 -1.73
CA LYS B 144 -7.75 11.04 -1.54
C LYS B 144 -8.39 9.87 -2.26
N THR B 145 -9.71 9.86 -2.37
CA THR B 145 -10.41 8.82 -3.18
C THR B 145 -10.03 8.92 -4.64
N ALA B 146 -10.04 10.19 -5.18
CA ALA B 146 -9.71 10.36 -6.56
C ALA B 146 -8.29 9.91 -6.86
N VAL B 147 -7.39 10.21 -5.91
CA VAL B 147 -5.99 9.85 -6.16
C VAL B 147 -5.86 8.32 -6.17
N GLN B 148 -6.58 7.62 -5.29
CA GLN B 148 -6.42 6.19 -5.30
C GLN B 148 -7.13 5.59 -6.53
N MET B 149 -8.21 6.25 -7.04
CA MET B 149 -8.73 5.78 -8.35
C MET B 149 -7.75 5.95 -9.44
N ALA B 150 -7.00 7.06 -9.37
CA ALA B 150 -5.98 7.27 -10.40
C ALA B 150 -4.81 6.33 -10.30
N VAL B 151 -4.40 5.96 -9.08
CA VAL B 151 -3.37 4.95 -8.94
C VAL B 151 -3.87 3.61 -9.59
N PHE B 152 -5.12 3.27 -9.33
CA PHE B 152 -5.64 2.02 -9.83
C PHE B 152 -5.66 2.07 -11.38
N ILE B 153 -6.17 3.12 -11.94
CA ILE B 153 -6.19 3.21 -13.44
C ILE B 153 -4.74 3.21 -13.99
N HIS B 154 -3.80 3.97 -13.39
CA HIS B 154 -2.44 3.97 -13.92
C HIS B 154 -1.85 2.58 -13.91
N ASN B 155 -1.96 1.85 -12.80
CA ASN B 155 -1.31 0.56 -12.60
C ASN B 155 -1.93 -0.53 -13.45
N HIS B 156 -3.20 -0.36 -13.81
CA HIS B 156 -3.87 -1.45 -14.60
C HIS B 156 -3.80 -1.13 -16.10
N LYS B 157 -3.38 0.08 -16.49
CA LYS B 157 -3.35 0.48 -17.96
C LYS B 157 -2.38 -0.33 -18.76
N ARG B 158 -2.93 -0.99 -19.84
CA ARG B 158 -2.09 -1.77 -20.75
C ARG B 158 -1.43 -0.81 -21.77
N LYS B 159 -0.11 -0.79 -21.93
CA LYS B 159 0.44 0.23 -22.85
C LYS B 159 1.15 -0.32 -24.10
N GLY B 164 0.49 -6.45 -24.79
CA GLY B 164 1.04 -5.33 -23.99
C GLY B 164 0.63 -5.40 -22.52
N TYR B 165 1.59 -5.10 -21.65
CA TYR B 165 1.46 -5.42 -20.23
C TYR B 165 1.17 -4.16 -19.44
N SER B 166 0.55 -4.32 -18.26
CA SER B 166 0.39 -3.11 -17.39
C SER B 166 1.61 -2.96 -16.48
N ALA B 167 1.68 -1.79 -15.81
CA ALA B 167 2.78 -1.56 -14.86
C ALA B 167 2.68 -2.57 -13.74
N GLY B 168 1.46 -2.94 -13.33
CA GLY B 168 1.27 -3.88 -12.22
C GLY B 168 1.74 -5.26 -12.61
N GLU B 169 1.50 -5.59 -13.90
CA GLU B 169 2.10 -6.84 -14.39
C GLU B 169 3.61 -6.77 -14.49
N ARG B 170 4.17 -5.67 -14.95
CA ARG B 170 5.60 -5.59 -15.09
C ARG B 170 6.27 -5.69 -13.76
N ILE B 171 5.72 -4.99 -12.73
CA ILE B 171 6.48 -5.04 -11.46
C ILE B 171 6.53 -6.47 -10.89
N VAL B 172 5.44 -7.21 -10.95
CA VAL B 172 5.43 -8.61 -10.43
C VAL B 172 6.38 -9.50 -11.22
N ASP B 173 6.39 -9.32 -12.55
CA ASP B 173 7.33 -10.10 -13.45
CA ASP B 173 7.29 -10.15 -13.38
C ASP B 173 8.77 -9.82 -13.09
N ILE B 174 9.09 -8.55 -12.93
CA ILE B 174 10.47 -8.17 -12.60
C ILE B 174 10.88 -8.70 -11.30
N ILE B 175 10.05 -8.53 -10.24
CA ILE B 175 10.49 -9.04 -8.94
C ILE B 175 10.52 -10.55 -8.93
N ALA B 176 9.55 -11.21 -9.57
CA ALA B 176 9.53 -12.71 -9.55
C ALA B 176 10.78 -13.22 -10.24
N THR B 177 11.20 -12.54 -11.31
CA THR B 177 12.41 -12.94 -12.07
C THR B 177 13.62 -12.84 -11.16
N ASP B 178 13.72 -11.76 -10.37
CA ASP B 178 14.76 -11.53 -9.41
C ASP B 178 14.80 -12.60 -8.30
N ILE B 179 13.65 -12.99 -7.75
CA ILE B 179 13.63 -14.03 -6.73
C ILE B 179 14.16 -15.36 -7.34
N GLN B 180 13.74 -15.68 -8.55
CA GLN B 180 14.06 -16.98 -9.20
C GLN B 180 15.53 -17.06 -9.62
N ALA C 1 11.24 12.75 20.58
CA ALA C 1 10.73 11.87 21.66
C ALA C 1 11.43 10.50 21.78
N LEU C 2 12.55 10.31 21.06
N LEU C 2 12.55 10.38 21.06
CA LEU C 2 13.33 9.03 20.99
CA LEU C 2 13.29 9.15 20.99
C LEU C 2 12.65 7.90 20.23
C LEU C 2 12.32 8.06 20.55
N LYS C 3 11.73 8.27 19.35
CA LYS C 3 10.89 7.27 18.64
C LYS C 3 11.19 7.47 17.19
N ILE C 4 10.99 6.43 16.38
N ILE C 4 10.92 6.41 16.40
CA ILE C 4 11.36 6.48 14.95
CA ILE C 4 11.25 6.34 14.95
C ILE C 4 10.51 7.57 14.28
C ILE C 4 10.42 7.33 14.18
N ASP C 5 9.26 7.70 14.77
CA ASP C 5 8.29 8.62 14.13
C ASP C 5 8.30 9.95 14.81
N ASN C 6 9.12 10.09 15.85
CA ASN C 6 9.24 11.38 16.54
C ASN C 6 10.59 11.36 17.24
N LEU C 7 11.59 11.76 16.46
CA LEU C 7 12.98 11.59 16.89
C LEU C 7 13.23 12.42 18.16
N ASP C 8 12.58 13.58 18.22
CA ASP C 8 12.63 14.42 19.45
C ASP C 8 12.22 13.66 20.73
N ALA D 1 -24.20 11.80 -0.98
CA ALA D 1 -23.82 12.94 -1.86
C ALA D 1 -23.62 12.61 -3.34
N LEU D 2 -23.98 11.39 -3.73
CA LEU D 2 -23.83 10.89 -5.11
C LEU D 2 -22.35 10.71 -5.48
N LYS D 3 -21.54 10.30 -4.51
CA LYS D 3 -20.11 10.07 -4.78
C LYS D 3 -19.80 8.70 -4.26
N ILE D 4 -18.71 8.07 -4.77
CA ILE D 4 -18.34 6.67 -4.43
C ILE D 4 -18.04 6.64 -2.94
N ASP D 5 -17.51 7.78 -2.41
CA ASP D 5 -17.04 7.81 -1.03
C ASP D 5 -18.01 8.45 -0.10
N ASN D 6 -19.15 8.88 -0.67
CA ASN D 6 -20.24 9.47 0.12
C ASN D 6 -21.51 9.29 -0.72
N LEU D 7 -22.11 8.12 -0.53
CA LEU D 7 -23.22 7.72 -1.41
C LEU D 7 -24.41 8.70 -1.23
N ASP D 8 -24.61 9.19 -0.01
CA ASP D 8 -25.62 10.26 0.28
C ASP D 8 -25.46 11.50 -0.62
S SO4 E . -9.95 -8.57 18.52
O1 SO4 E . -10.36 -9.45 19.58
O2 SO4 E . -9.05 -7.60 19.04
O3 SO4 E . -9.42 -9.50 17.54
O4 SO4 E . -11.03 -7.81 17.92
S SO4 F . -1.68 7.19 18.56
O1 SO4 F . -1.24 5.88 19.01
O2 SO4 F . -3.04 7.42 19.08
O3 SO4 F . -0.78 8.20 19.06
O4 SO4 F . -1.82 7.39 17.12
S SO4 G . -22.61 2.38 4.44
O1 SO4 G . -24.01 2.32 4.76
O2 SO4 G . -22.97 2.23 3.05
O3 SO4 G . -22.16 3.71 4.92
O4 SO4 G . -21.76 1.39 5.14
S SO4 H . -3.41 -0.15 2.27
O1 SO4 H . -4.18 0.86 2.87
O2 SO4 H . -2.44 0.64 1.50
O3 SO4 H . -2.71 -0.94 3.33
O4 SO4 H . -4.32 -1.13 1.50
CL CL I . -15.46 -0.56 15.31
S SO4 J . 3.59 20.37 -9.15
O1 SO4 J . 2.23 20.54 -8.87
O2 SO4 J . 4.21 20.52 -7.83
O3 SO4 J . 4.01 19.09 -9.78
O4 SO4 J . 4.00 21.44 -10.05
S SO4 K . -10.89 16.85 0.55
O1 SO4 K . -12.28 16.82 0.87
O2 SO4 K . -10.24 15.73 1.26
O3 SO4 K . -10.68 16.94 -0.90
O4 SO4 K . -10.28 18.02 1.22
S SO4 L . 12.98 16.00 10.19
O1 SO4 L . 12.57 15.99 8.79
O2 SO4 L . 13.84 17.08 10.56
O3 SO4 L . 11.73 16.21 10.95
O4 SO4 L . 13.89 14.98 10.67
S SO4 M . 1.16 3.59 0.46
O1 SO4 M . 0.73 4.15 -0.84
O2 SO4 M . 2.65 3.24 0.29
O3 SO4 M . 1.07 4.61 1.42
O4 SO4 M . 0.31 2.49 0.95
C ACY N . 8.08 -7.79 1.12
O ACY N . 8.42 -8.81 1.74
OXT ACY N . 6.89 -7.35 1.03
CH3 ACY N . 9.22 -7.21 0.39
C ACY O . -2.60 -4.01 -10.57
O ACY O . -3.15 -5.06 -10.23
OXT ACY O . -2.74 -3.56 -11.71
CH3 ACY O . -1.64 -3.24 -9.68
#